data_1K97
#
_entry.id   1K97
#
_cell.length_a   77.996
_cell.length_b   105.336
_cell.length_c   127.360
_cell.angle_alpha   90.00
_cell.angle_beta   90.00
_cell.angle_gamma   90.00
#
_symmetry.space_group_name_H-M   'I 2 2 2'
#
loop_
_entity.id
_entity.type
_entity.pdbx_description
1 polymer 'ARGININOSUCCINATE SYNTHASE'
2 non-polymer 'ASPARTIC ACID'
3 non-polymer CITRULLINE
4 water water
#
_entity_poly.entity_id   1
_entity_poly.type   'polypeptide(L)'
_entity_poly.pdbx_seq_one_letter_code
;TTILKHLPVGQRIGIAFSGGLDTSAALLWMRQKGAVPYAYTANLGQPDEEDYDAIPRRAMEYGAENARLIDCRKQLVAEG
IAAIQCGAFHNTTGGLTYFNTTPLGRAVTGTMLVAAMKEDGVNIWGDGSTYKGNDIERFYRYGLLTNAELQIYKPWLDTD
FIDELGGRHEMSEFMIACGFDYKMSVEKAYSTDSNMLGATHEAKDLEYLNSSVKIVNPIMGVKFWDESVKIPAEEVTVRF
EQGHPVALNGKTFSDDVEMMLEANRIGGRHGLGMSDQIENRIIEAKSRGIYEAPGMALLHIAYERLLTGIHNEDTIEQYH
AHGRQLGRLLYQGRWFDSQALMLRDSLQRWVASQITGEVTLELRRGNDYSILNTVSENLTYKPERLTMEKGDSVFSPDDR
IGQLTMRNLDITDTREKLFGYAKTGLLSSSAASGVPQVENLENKGQSVEHHHHHH
;
_entity_poly.pdbx_strand_id   A
#
# COMPACT_ATOMS: atom_id res chain seq x y z
N THR A 1 7.11 29.77 -10.58
CA THR A 1 6.74 28.82 -9.49
C THR A 1 6.91 27.37 -9.94
N THR A 2 6.66 26.44 -9.02
CA THR A 2 6.79 25.03 -9.33
C THR A 2 5.53 24.52 -10.02
N ILE A 3 4.38 24.94 -9.50
CA ILE A 3 3.11 24.53 -10.05
C ILE A 3 2.54 25.57 -11.01
N LEU A 4 2.41 25.20 -12.28
CA LEU A 4 1.87 26.07 -13.30
C LEU A 4 0.36 26.03 -13.19
N LYS A 5 -0.25 27.18 -12.93
CA LYS A 5 -1.71 27.24 -12.78
C LYS A 5 -2.44 27.13 -14.12
N HIS A 6 -1.84 27.65 -15.18
CA HIS A 6 -2.47 27.59 -16.49
C HIS A 6 -1.58 27.00 -17.57
N LEU A 7 -2.21 26.39 -18.58
CA LEU A 7 -1.54 25.71 -19.67
C LEU A 7 -0.31 26.40 -20.26
N PRO A 8 0.86 25.73 -20.22
CA PRO A 8 2.11 26.27 -20.75
C PRO A 8 2.10 26.13 -22.27
N VAL A 9 1.45 27.07 -22.97
CA VAL A 9 1.39 26.99 -24.43
C VAL A 9 2.76 26.89 -25.07
N GLY A 10 2.88 25.98 -26.01
CA GLY A 10 4.13 25.79 -26.73
C GLY A 10 5.12 24.83 -26.09
N GLN A 11 4.88 24.44 -24.84
CA GLN A 11 5.81 23.56 -24.16
C GLN A 11 5.44 22.10 -24.15
N ARG A 12 6.46 21.27 -23.94
CA ARG A 12 6.30 19.83 -23.88
C ARG A 12 5.80 19.50 -22.47
N ILE A 13 4.65 18.86 -22.38
CA ILE A 13 4.08 18.48 -21.10
C ILE A 13 3.93 16.96 -21.04
N GLY A 14 4.53 16.35 -20.03
CA GLY A 14 4.42 14.90 -19.89
C GLY A 14 3.27 14.56 -18.96
N ILE A 15 2.38 13.68 -19.39
CA ILE A 15 1.27 13.31 -18.52
C ILE A 15 1.19 11.79 -18.34
N ALA A 16 0.88 11.38 -17.12
CA ALA A 16 0.73 9.96 -16.76
C ALA A 16 -0.56 9.54 -17.45
N PHE A 17 -0.43 8.86 -18.58
CA PHE A 17 -1.57 8.44 -19.37
C PHE A 17 -1.98 7.03 -19.02
N SER A 18 -2.88 6.91 -18.05
CA SER A 18 -3.36 5.61 -17.63
C SER A 18 -4.39 5.13 -18.65
N GLY A 19 -4.90 6.06 -19.42
CA GLY A 19 -5.92 5.71 -20.41
C GLY A 19 -7.21 6.08 -19.70
N GLY A 20 -8.29 6.20 -20.45
CA GLY A 20 -9.53 6.59 -19.81
C GLY A 20 -9.85 8.01 -20.22
N LEU A 21 -11.12 8.38 -20.09
CA LEU A 21 -11.59 9.71 -20.46
C LEU A 21 -10.79 10.90 -19.95
N ASP A 22 -10.51 10.95 -18.65
CA ASP A 22 -9.78 12.09 -18.07
C ASP A 22 -8.45 12.38 -18.74
N THR A 23 -7.59 11.37 -18.88
CA THR A 23 -6.30 11.59 -19.51
C THR A 23 -6.45 11.73 -21.03
N SER A 24 -7.39 11.00 -21.62
CA SER A 24 -7.61 11.09 -23.08
C SER A 24 -8.10 12.49 -23.45
N ALA A 25 -9.12 12.96 -22.76
CA ALA A 25 -9.66 14.29 -23.04
C ALA A 25 -8.59 15.36 -22.80
N ALA A 26 -7.80 15.18 -21.75
CA ALA A 26 -6.75 16.15 -21.43
C ALA A 26 -5.73 16.27 -22.57
N LEU A 27 -5.37 15.13 -23.16
CA LEU A 27 -4.42 15.12 -24.27
C LEU A 27 -4.92 15.96 -25.42
N LEU A 28 -6.17 15.72 -25.84
CA LEU A 28 -6.76 16.47 -26.93
C LEU A 28 -6.83 17.95 -26.59
N TRP A 29 -7.34 18.24 -25.39
CA TRP A 29 -7.48 19.62 -24.96
C TRP A 29 -6.14 20.36 -24.91
N MET A 30 -5.12 19.72 -24.36
CA MET A 30 -3.80 20.35 -24.29
C MET A 30 -3.21 20.56 -25.68
N ARG A 31 -3.30 19.51 -26.50
CA ARG A 31 -2.81 19.54 -27.87
C ARG A 31 -3.58 20.61 -28.63
N GLN A 32 -4.84 20.79 -28.24
CA GLN A 32 -5.73 21.77 -28.87
C GLN A 32 -5.41 23.19 -28.45
N LYS A 33 -5.10 23.39 -27.18
CA LYS A 33 -4.81 24.72 -26.68
C LYS A 33 -3.38 25.20 -26.97
N GLY A 34 -2.60 24.38 -27.67
CA GLY A 34 -1.25 24.79 -28.02
C GLY A 34 -0.08 24.16 -27.28
N ALA A 35 -0.33 23.15 -26.48
CA ALA A 35 0.76 22.50 -25.76
C ALA A 35 1.16 21.25 -26.53
N VAL A 36 2.36 20.75 -26.26
CA VAL A 36 2.84 19.53 -26.90
C VAL A 36 2.84 18.41 -25.86
N PRO A 37 1.74 17.64 -25.79
CA PRO A 37 1.65 16.55 -24.81
C PRO A 37 2.35 15.25 -25.14
N TYR A 38 3.07 14.72 -24.15
CA TYR A 38 3.77 13.45 -24.25
C TYR A 38 3.11 12.49 -23.26
N ALA A 39 2.87 11.26 -23.68
CA ALA A 39 2.24 10.30 -22.79
C ALA A 39 3.20 9.26 -22.25
N TYR A 40 3.06 8.94 -20.98
CA TYR A 40 3.88 7.92 -20.33
C TYR A 40 2.91 7.07 -19.52
N THR A 41 2.90 5.77 -19.79
CA THR A 41 2.01 4.84 -19.12
C THR A 41 2.84 3.84 -18.35
N ALA A 42 2.51 3.68 -17.07
CA ALA A 42 3.27 2.75 -16.24
C ALA A 42 2.65 1.37 -16.29
N ASN A 43 3.48 0.37 -16.59
CA ASN A 43 3.01 -1.00 -16.57
C ASN A 43 3.18 -1.41 -15.11
N LEU A 44 2.07 -1.52 -14.40
CA LEU A 44 2.09 -1.87 -12.98
C LEU A 44 1.50 -3.25 -12.72
N GLY A 45 1.27 -4.01 -13.80
CA GLY A 45 0.70 -5.33 -13.67
C GLY A 45 -0.68 -5.25 -13.07
N GLN A 46 -1.45 -4.23 -13.46
CA GLN A 46 -2.78 -4.08 -12.93
C GLN A 46 -3.62 -5.31 -13.19
N PRO A 47 -4.29 -5.81 -12.14
CA PRO A 47 -5.14 -6.99 -12.23
C PRO A 47 -6.30 -6.77 -13.19
N ASP A 48 -6.69 -5.52 -13.41
CA ASP A 48 -7.80 -5.23 -14.30
C ASP A 48 -7.36 -4.70 -15.67
N GLU A 49 -6.08 -4.86 -15.99
CA GLU A 49 -5.58 -4.42 -17.28
C GLU A 49 -5.16 -5.66 -18.04
N GLU A 50 -5.66 -5.80 -19.26
CA GLU A 50 -5.32 -6.95 -20.08
C GLU A 50 -4.57 -6.61 -21.37
N ASP A 51 -4.40 -5.33 -21.67
CA ASP A 51 -3.71 -4.94 -22.90
C ASP A 51 -2.99 -3.59 -22.77
N TYR A 52 -1.84 -3.59 -22.09
CA TYR A 52 -1.04 -2.38 -21.88
C TYR A 52 -0.52 -1.75 -23.16
N ASP A 53 -0.13 -2.58 -24.12
CA ASP A 53 0.40 -2.06 -25.38
C ASP A 53 -0.59 -1.21 -26.13
N ALA A 54 -1.89 -1.44 -25.91
CA ALA A 54 -2.90 -0.65 -26.60
C ALA A 54 -2.98 0.80 -26.12
N ILE A 55 -2.60 1.04 -24.86
CA ILE A 55 -2.68 2.38 -24.27
C ILE A 55 -1.81 3.46 -24.93
N PRO A 56 -0.51 3.20 -25.12
CA PRO A 56 0.30 4.25 -25.76
C PRO A 56 -0.26 4.54 -27.17
N ARG A 57 -0.82 3.52 -27.82
CA ARG A 57 -1.36 3.74 -29.16
C ARG A 57 -2.57 4.65 -29.12
N ARG A 58 -3.38 4.55 -28.08
CA ARG A 58 -4.53 5.42 -27.96
C ARG A 58 -4.05 6.85 -27.71
N ALA A 59 -2.97 7.01 -26.95
CA ALA A 59 -2.44 8.34 -26.70
C ALA A 59 -2.03 8.93 -28.05
N MET A 60 -1.34 8.15 -28.87
CA MET A 60 -0.92 8.62 -30.19
C MET A 60 -2.12 8.96 -31.06
N GLU A 61 -3.17 8.15 -30.98
CA GLU A 61 -4.38 8.38 -31.77
C GLU A 61 -5.00 9.72 -31.35
N TYR A 62 -4.84 10.06 -30.07
CA TYR A 62 -5.40 11.30 -29.52
C TYR A 62 -4.50 12.54 -29.63
N GLY A 63 -3.40 12.44 -30.35
CA GLY A 63 -2.55 13.60 -30.54
C GLY A 63 -1.23 13.69 -29.80
N ALA A 64 -0.90 12.68 -29.01
CA ALA A 64 0.36 12.72 -28.27
C ALA A 64 1.54 12.88 -29.23
N GLU A 65 2.48 13.73 -28.84
CA GLU A 65 3.69 13.96 -29.63
C GLU A 65 4.41 12.65 -29.69
N ASN A 66 4.42 11.95 -28.56
CA ASN A 66 5.03 10.64 -28.46
C ASN A 66 4.34 9.93 -27.29
N ALA A 67 4.43 8.60 -27.26
CA ALA A 67 3.79 7.81 -26.20
C ALA A 67 4.70 6.66 -25.81
N ARG A 68 4.87 6.45 -24.51
CA ARG A 68 5.72 5.37 -24.03
C ARG A 68 5.07 4.55 -22.93
N LEU A 69 5.44 3.28 -22.87
CA LEU A 69 4.97 2.35 -21.85
C LEU A 69 6.21 2.06 -21.00
N ILE A 70 6.19 2.49 -19.74
CA ILE A 70 7.33 2.26 -18.86
C ILE A 70 6.99 1.07 -17.98
N ASP A 71 7.78 0.00 -18.06
CA ASP A 71 7.53 -1.18 -17.26
C ASP A 71 8.08 -0.94 -15.85
N CYS A 72 7.19 -0.97 -14.86
CA CYS A 72 7.56 -0.73 -13.48
C CYS A 72 7.28 -1.92 -12.56
N ARG A 73 6.98 -3.07 -13.15
CA ARG A 73 6.66 -4.24 -12.35
C ARG A 73 7.77 -4.74 -11.42
N LYS A 74 8.98 -4.86 -11.95
CA LYS A 74 10.10 -5.34 -11.14
C LYS A 74 10.33 -4.45 -9.92
N GLN A 75 10.33 -3.14 -10.12
CA GLN A 75 10.56 -2.20 -9.01
C GLN A 75 9.40 -2.22 -8.03
N LEU A 76 8.18 -2.29 -8.54
CA LEU A 76 7.01 -2.32 -7.68
C LEU A 76 7.09 -3.52 -6.74
N VAL A 77 7.35 -4.70 -7.29
CA VAL A 77 7.43 -5.88 -6.47
C VAL A 77 8.59 -5.83 -5.48
N ALA A 78 9.73 -5.27 -5.90
CA ALA A 78 10.86 -5.16 -5.00
C ALA A 78 10.49 -4.27 -3.81
N GLU A 79 9.79 -3.16 -4.06
CA GLU A 79 9.42 -2.28 -2.95
C GLU A 79 8.33 -2.94 -2.09
N GLY A 80 7.43 -3.69 -2.73
CA GLY A 80 6.39 -4.39 -1.99
C GLY A 80 7.02 -5.41 -1.06
N ILE A 81 8.03 -6.11 -1.56
CA ILE A 81 8.71 -7.09 -0.72
C ILE A 81 9.42 -6.37 0.43
N ALA A 82 10.00 -5.19 0.17
CA ALA A 82 10.67 -4.46 1.24
C ALA A 82 9.63 -4.07 2.29
N ALA A 83 8.46 -3.64 1.85
CA ALA A 83 7.39 -3.24 2.77
C ALA A 83 7.03 -4.45 3.65
N ILE A 84 6.93 -5.62 3.04
CA ILE A 84 6.62 -6.84 3.79
C ILE A 84 7.72 -7.13 4.80
N GLN A 85 8.97 -7.00 4.40
CA GLN A 85 10.06 -7.28 5.33
C GLN A 85 10.04 -6.33 6.53
N CYS A 86 9.52 -5.12 6.32
CA CYS A 86 9.47 -4.11 7.38
C CYS A 86 8.13 -3.97 8.10
N GLY A 87 7.10 -4.69 7.67
CA GLY A 87 5.78 -4.54 8.29
C GLY A 87 5.38 -3.08 8.21
N ALA A 88 5.74 -2.41 7.11
CA ALA A 88 5.46 -0.98 6.89
C ALA A 88 4.00 -0.68 6.59
N PHE A 89 3.11 -1.05 7.51
CA PHE A 89 1.68 -0.87 7.30
C PHE A 89 1.14 -0.26 8.60
N HIS A 90 0.58 0.95 8.50
CA HIS A 90 0.12 1.63 9.69
C HIS A 90 -1.38 1.72 9.90
N ASN A 91 -2.16 1.58 8.83
CA ASN A 91 -3.60 1.64 8.96
C ASN A 91 -4.16 0.26 9.24
N THR A 92 -4.56 0.04 10.49
CA THR A 92 -5.11 -1.22 10.92
C THR A 92 -6.39 -1.00 11.70
N THR A 93 -7.34 -1.93 11.60
CA THR A 93 -8.58 -1.82 12.32
C THR A 93 -8.83 -3.20 12.92
N GLY A 94 -8.80 -3.29 14.24
CA GLY A 94 -9.01 -4.59 14.88
C GLY A 94 -8.00 -5.58 14.33
N GLY A 95 -6.79 -5.10 14.05
CA GLY A 95 -5.76 -5.98 13.52
C GLY A 95 -5.71 -6.08 12.00
N LEU A 96 -6.86 -5.93 11.31
CA LEU A 96 -6.88 -6.01 9.84
C LEU A 96 -6.14 -4.84 9.24
N THR A 97 -5.19 -5.18 8.38
CA THR A 97 -4.27 -4.23 7.79
C THR A 97 -4.46 -3.76 6.36
N TYR A 98 -4.13 -2.49 6.11
CA TYR A 98 -4.12 -1.91 4.75
C TYR A 98 -2.64 -2.05 4.38
N PHE A 99 -2.34 -2.70 3.27
CA PHE A 99 -0.93 -2.91 2.91
C PHE A 99 -0.20 -1.79 2.13
N ASN A 100 -0.73 -0.57 2.24
CA ASN A 100 -0.13 0.62 1.63
C ASN A 100 0.26 0.41 0.18
N THR A 101 -0.57 -0.33 -0.57
CA THR A 101 -0.29 -0.65 -1.96
C THR A 101 -0.33 0.53 -2.92
N THR A 102 -1.24 1.47 -2.73
CA THR A 102 -1.25 2.62 -3.60
C THR A 102 0.00 3.46 -3.31
N PRO A 103 0.34 3.69 -2.01
CA PRO A 103 1.54 4.46 -1.69
C PRO A 103 2.79 3.85 -2.34
N LEU A 104 2.88 2.52 -2.36
CA LEU A 104 4.03 1.86 -2.97
C LEU A 104 4.03 2.07 -4.49
N GLY A 105 2.84 2.02 -5.09
CA GLY A 105 2.71 2.26 -6.51
C GLY A 105 3.15 3.67 -6.85
N ARG A 106 2.81 4.66 -6.03
CA ARG A 106 3.17 6.03 -6.32
C ARG A 106 4.67 6.28 -6.22
N ALA A 107 5.32 5.63 -5.25
CA ALA A 107 6.76 5.81 -5.08
C ALA A 107 7.49 5.34 -6.33
N VAL A 108 7.05 4.21 -6.88
CA VAL A 108 7.67 3.66 -8.06
C VAL A 108 7.24 4.41 -9.33
N THR A 109 5.95 4.71 -9.45
CA THR A 109 5.44 5.42 -10.61
C THR A 109 5.97 6.85 -10.71
N GLY A 110 5.86 7.59 -9.61
CA GLY A 110 6.32 8.97 -9.57
C GLY A 110 7.78 9.15 -9.92
N THR A 111 8.64 8.22 -9.50
CA THR A 111 10.06 8.35 -9.80
C THR A 111 10.40 7.85 -11.21
N MET A 112 9.90 6.68 -11.59
CA MET A 112 10.22 6.14 -12.92
C MET A 112 9.63 6.89 -14.11
N LEU A 113 8.38 7.32 -14.02
CA LEU A 113 7.81 8.06 -15.14
C LEU A 113 8.49 9.41 -15.30
N VAL A 114 8.81 10.07 -14.18
CA VAL A 114 9.47 11.37 -14.27
C VAL A 114 10.89 11.21 -14.80
N ALA A 115 11.56 10.12 -14.40
CA ALA A 115 12.91 9.87 -14.88
C ALA A 115 12.87 9.62 -16.39
N ALA A 116 11.82 8.93 -16.84
CA ALA A 116 11.64 8.61 -18.24
C ALA A 116 11.45 9.90 -19.03
N MET A 117 10.64 10.83 -18.50
CA MET A 117 10.40 12.10 -19.16
C MET A 117 11.71 12.86 -19.25
N LYS A 118 12.51 12.74 -18.19
CA LYS A 118 13.81 13.39 -18.12
C LYS A 118 14.58 13.02 -19.38
N GLU A 119 14.60 11.73 -19.69
CA GLU A 119 15.28 11.20 -20.87
C GLU A 119 14.85 11.90 -22.16
N ASP A 120 13.57 12.23 -22.27
CA ASP A 120 13.06 12.87 -23.48
C ASP A 120 13.02 14.39 -23.40
N GLY A 121 13.80 14.95 -22.47
CA GLY A 121 13.85 16.40 -22.33
C GLY A 121 12.51 17.04 -22.00
N VAL A 122 11.65 16.31 -21.31
CA VAL A 122 10.34 16.82 -20.92
C VAL A 122 10.43 17.21 -19.45
N ASN A 123 10.23 18.50 -19.14
CA ASN A 123 10.34 18.97 -17.77
C ASN A 123 9.08 19.52 -17.12
N ILE A 124 7.93 19.12 -17.63
CA ILE A 124 6.65 19.55 -17.08
C ILE A 124 5.82 18.29 -16.93
N TRP A 125 5.31 18.08 -15.72
CA TRP A 125 4.56 16.89 -15.35
C TRP A 125 3.10 17.13 -14.97
N GLY A 126 2.25 16.13 -15.21
CA GLY A 126 0.83 16.23 -14.90
C GLY A 126 0.09 14.90 -14.79
N ASP A 127 -0.61 14.68 -13.67
CA ASP A 127 -1.36 13.43 -13.46
C ASP A 127 -2.76 13.82 -12.99
N GLY A 128 -3.70 12.88 -13.12
CA GLY A 128 -5.08 13.15 -12.74
C GLY A 128 -5.53 13.16 -11.28
N SER A 129 -4.61 13.03 -10.33
CA SER A 129 -4.98 13.04 -8.91
C SER A 129 -5.65 14.37 -8.51
N THR A 130 -6.64 14.31 -7.63
CA THR A 130 -7.35 15.51 -7.19
C THR A 130 -6.59 16.35 -6.16
N TYR A 131 -7.02 17.60 -5.99
CA TYR A 131 -6.39 18.51 -5.04
C TYR A 131 -6.85 18.19 -3.61
N LYS A 132 -7.73 17.20 -3.48
CA LYS A 132 -8.25 16.79 -2.19
C LYS A 132 -7.60 15.55 -1.57
N GLY A 133 -6.87 14.76 -2.36
CA GLY A 133 -6.29 13.55 -1.83
C GLY A 133 -4.83 13.53 -1.48
N ASN A 134 -4.30 12.32 -1.31
CA ASN A 134 -2.90 12.11 -0.97
C ASN A 134 -2.03 12.00 -2.20
N ASP A 135 -2.57 11.39 -3.26
CA ASP A 135 -1.79 11.15 -4.47
C ASP A 135 -1.15 12.38 -5.11
N ILE A 136 -1.86 13.50 -5.16
CA ILE A 136 -1.29 14.72 -5.74
C ILE A 136 0.01 15.10 -5.03
N GLU A 137 0.06 14.87 -3.72
CA GLU A 137 1.25 15.20 -2.95
C GLU A 137 2.33 14.13 -3.07
N ARG A 138 1.93 12.87 -3.22
CA ARG A 138 2.91 11.80 -3.40
C ARG A 138 3.61 12.01 -4.73
N PHE A 139 2.83 12.19 -5.79
CA PHE A 139 3.44 12.42 -7.11
C PHE A 139 4.33 13.66 -7.09
N TYR A 140 3.85 14.72 -6.46
CA TYR A 140 4.60 15.97 -6.36
C TYR A 140 6.00 15.73 -5.76
N ARG A 141 6.02 15.07 -4.60
CA ARG A 141 7.28 14.83 -3.92
C ARG A 141 8.23 13.90 -4.67
N TYR A 142 7.73 12.75 -5.13
CA TYR A 142 8.56 11.81 -5.87
C TYR A 142 9.08 12.43 -7.19
N GLY A 143 8.24 13.21 -7.84
CA GLY A 143 8.67 13.85 -9.09
C GLY A 143 9.81 14.84 -8.86
N LEU A 144 9.63 15.75 -7.91
CA LEU A 144 10.67 16.74 -7.62
C LEU A 144 11.95 16.12 -7.12
N LEU A 145 11.82 15.02 -6.39
CA LEU A 145 12.99 14.32 -5.87
C LEU A 145 13.82 13.82 -7.06
N THR A 146 13.14 13.27 -8.07
CA THR A 146 13.83 12.72 -9.25
C THR A 146 14.34 13.80 -10.20
N ASN A 147 13.58 14.90 -10.33
CA ASN A 147 13.96 15.98 -11.22
C ASN A 147 13.82 17.35 -10.55
N ALA A 148 14.95 17.92 -10.15
CA ALA A 148 14.96 19.21 -9.49
C ALA A 148 14.29 20.32 -10.31
N GLU A 149 14.36 20.23 -11.64
CA GLU A 149 13.79 21.26 -12.49
C GLU A 149 12.35 21.03 -12.89
N LEU A 150 11.73 19.99 -12.34
CA LEU A 150 10.37 19.67 -12.69
C LEU A 150 9.36 20.77 -12.35
N GLN A 151 8.39 20.93 -13.24
CA GLN A 151 7.30 21.87 -13.02
C GLN A 151 6.08 21.01 -13.18
N ILE A 152 5.00 21.39 -12.51
CA ILE A 152 3.78 20.61 -12.55
C ILE A 152 2.62 21.35 -13.18
N TYR A 153 1.92 20.68 -14.07
CA TYR A 153 0.75 21.26 -14.69
C TYR A 153 -0.32 20.20 -14.75
N LYS A 154 -1.43 20.45 -14.06
CA LYS A 154 -2.54 19.52 -14.05
C LYS A 154 -3.75 20.19 -14.70
N PRO A 155 -3.99 19.90 -16.00
CA PRO A 155 -5.13 20.52 -16.69
C PRO A 155 -6.43 20.36 -15.92
N TRP A 156 -6.55 19.26 -15.19
CA TRP A 156 -7.75 18.98 -14.42
C TRP A 156 -7.96 20.00 -13.29
N LEU A 157 -6.93 20.78 -13.01
CA LEU A 157 -7.03 21.81 -11.95
C LEU A 157 -7.00 23.21 -12.56
N ASP A 158 -6.94 23.27 -13.88
CA ASP A 158 -6.90 24.55 -14.58
C ASP A 158 -8.33 25.05 -14.75
N THR A 159 -8.62 26.21 -14.18
CA THR A 159 -9.97 26.78 -14.26
C THR A 159 -10.46 26.81 -15.69
N ASP A 160 -9.57 27.12 -16.62
CA ASP A 160 -9.93 27.19 -18.04
C ASP A 160 -10.44 25.83 -18.50
N PHE A 161 -9.73 24.78 -18.10
CA PHE A 161 -10.09 23.42 -18.44
C PHE A 161 -11.45 23.05 -17.88
N ILE A 162 -11.63 23.23 -16.57
CA ILE A 162 -12.90 22.89 -15.92
C ILE A 162 -14.09 23.66 -16.47
N ASP A 163 -13.90 24.93 -16.81
CA ASP A 163 -14.98 25.74 -17.36
C ASP A 163 -15.51 25.03 -18.60
N GLU A 164 -14.60 24.68 -19.50
CA GLU A 164 -14.97 23.99 -20.74
C GLU A 164 -15.37 22.54 -20.48
N LEU A 165 -14.43 21.75 -19.96
CA LEU A 165 -14.69 20.35 -19.68
C LEU A 165 -15.01 20.07 -18.21
N GLY A 166 -16.30 20.19 -17.88
CA GLY A 166 -16.74 19.96 -16.52
C GLY A 166 -16.61 18.50 -16.09
N GLY A 167 -17.67 17.74 -16.29
CA GLY A 167 -17.67 16.33 -15.90
C GLY A 167 -17.47 15.32 -17.03
N ARG A 168 -17.72 14.06 -16.72
CA ARG A 168 -17.56 12.97 -17.67
C ARG A 168 -18.38 13.15 -18.95
N HIS A 169 -19.59 13.69 -18.81
CA HIS A 169 -20.45 13.88 -19.96
C HIS A 169 -19.87 14.92 -20.92
N GLU A 170 -19.40 16.04 -20.37
CA GLU A 170 -18.82 17.10 -21.18
C GLU A 170 -17.58 16.59 -21.91
N MET A 171 -16.80 15.76 -21.20
CA MET A 171 -15.58 15.21 -21.76
C MET A 171 -15.83 14.20 -22.87
N SER A 172 -16.81 13.32 -22.68
CA SER A 172 -17.11 12.33 -23.69
C SER A 172 -17.62 13.04 -24.94
N GLU A 173 -18.40 14.10 -24.73
CA GLU A 173 -18.93 14.89 -25.84
C GLU A 173 -17.79 15.63 -26.51
N PHE A 174 -16.78 15.98 -25.72
CA PHE A 174 -15.61 16.67 -26.22
C PHE A 174 -14.85 15.72 -27.15
N MET A 175 -14.73 14.45 -26.75
CA MET A 175 -14.05 13.45 -27.56
C MET A 175 -14.77 13.34 -28.91
N ILE A 176 -16.10 13.26 -28.86
CA ILE A 176 -16.93 13.15 -30.04
C ILE A 176 -16.77 14.39 -30.93
N ALA A 177 -16.87 15.56 -30.32
CA ALA A 177 -16.73 16.83 -31.03
C ALA A 177 -15.34 16.99 -31.65
N CYS A 178 -14.35 16.27 -31.09
CA CYS A 178 -13.00 16.33 -31.61
C CYS A 178 -12.79 15.31 -32.73
N GLY A 179 -13.86 14.63 -33.12
CA GLY A 179 -13.76 13.65 -34.20
C GLY A 179 -13.45 12.20 -33.85
N PHE A 180 -13.74 11.79 -32.62
CA PHE A 180 -13.48 10.41 -32.24
C PHE A 180 -14.79 9.74 -31.80
N ASP A 181 -15.08 8.59 -32.41
CA ASP A 181 -16.29 7.84 -32.09
C ASP A 181 -16.03 7.21 -30.72
N TYR A 182 -15.90 8.06 -29.71
CA TYR A 182 -15.62 7.64 -28.35
C TYR A 182 -16.82 7.07 -27.61
N LYS A 183 -16.58 5.98 -26.88
CA LYS A 183 -17.64 5.34 -26.11
C LYS A 183 -17.18 5.13 -24.68
N MET A 184 -17.67 5.95 -23.75
CA MET A 184 -17.26 5.84 -22.35
C MET A 184 -17.78 4.57 -21.68
N SER A 185 -16.95 4.01 -20.81
CA SER A 185 -17.27 2.78 -20.08
C SER A 185 -18.40 2.89 -19.06
N VAL A 186 -18.75 1.74 -18.48
CA VAL A 186 -19.79 1.65 -17.47
C VAL A 186 -19.21 2.24 -16.18
N GLU A 187 -19.94 3.17 -15.57
CA GLU A 187 -19.47 3.81 -14.34
C GLU A 187 -19.82 3.02 -13.07
N LYS A 188 -18.79 2.76 -12.25
CA LYS A 188 -18.97 2.01 -11.01
C LYS A 188 -19.39 2.94 -9.89
N ALA A 189 -19.76 2.37 -8.76
CA ALA A 189 -20.20 3.15 -7.59
C ALA A 189 -19.04 3.56 -6.67
N TYR A 190 -17.81 3.51 -7.20
CA TYR A 190 -16.61 3.86 -6.46
C TYR A 190 -15.46 3.94 -7.45
N SER A 191 -14.35 4.56 -7.05
CA SER A 191 -13.19 4.66 -7.94
C SER A 191 -12.15 3.63 -7.45
N THR A 192 -11.21 3.28 -8.31
CA THR A 192 -10.21 2.30 -7.98
C THR A 192 -8.81 2.64 -8.45
N ASP A 193 -7.81 2.39 -7.61
CA ASP A 193 -6.42 2.56 -8.02
C ASP A 193 -5.90 1.13 -7.84
N SER A 194 -5.33 0.56 -8.87
CA SER A 194 -4.85 -0.80 -8.76
C SER A 194 -3.46 -0.98 -9.32
N ASN A 195 -2.79 -2.01 -8.82
CA ASN A 195 -1.47 -2.36 -9.31
C ASN A 195 -1.26 -3.81 -8.88
N MET A 196 -0.13 -4.40 -9.24
CA MET A 196 0.12 -5.80 -8.90
C MET A 196 0.10 -6.13 -7.39
N LEU A 197 0.27 -5.11 -6.56
CA LEU A 197 0.31 -5.33 -5.11
C LEU A 197 -1.08 -5.25 -4.49
N GLY A 198 -1.94 -4.40 -5.05
CA GLY A 198 -3.28 -4.30 -4.50
C GLY A 198 -4.18 -3.36 -5.25
N ALA A 199 -5.46 -3.38 -4.89
CA ALA A 199 -6.45 -2.51 -5.51
C ALA A 199 -7.14 -1.75 -4.39
N THR A 200 -7.24 -0.43 -4.53
CA THR A 200 -7.87 0.38 -3.50
C THR A 200 -9.13 1.07 -4.03
N HIS A 201 -10.26 0.77 -3.39
CA HIS A 201 -11.54 1.31 -3.80
C HIS A 201 -12.05 2.35 -2.80
N GLU A 202 -12.52 3.48 -3.32
CA GLU A 202 -13.06 4.53 -2.47
C GLU A 202 -13.82 5.58 -3.29
N ALA A 203 -14.35 6.59 -2.62
CA ALA A 203 -15.10 7.68 -3.26
C ALA A 203 -16.50 7.21 -3.68
N LYS A 204 -17.28 8.14 -4.23
CA LYS A 204 -18.65 7.85 -4.66
C LYS A 204 -19.45 7.19 -3.55
N ASP A 205 -20.10 6.06 -3.80
CA ASP A 205 -20.90 5.44 -2.75
C ASP A 205 -20.13 4.89 -1.55
N LEU A 206 -18.83 4.68 -1.71
CA LEU A 206 -18.03 4.20 -0.59
C LEU A 206 -17.77 5.31 0.41
N GLU A 207 -18.20 6.52 0.09
CA GLU A 207 -18.02 7.62 1.05
C GLU A 207 -19.03 7.50 2.18
N TYR A 208 -20.05 6.67 2.00
CA TYR A 208 -21.06 6.50 3.05
C TYR A 208 -20.70 5.30 3.88
N LEU A 209 -20.68 5.48 5.19
CA LEU A 209 -20.29 4.39 6.08
C LEU A 209 -21.30 3.26 6.10
N ASN A 210 -22.49 3.49 5.53
CA ASN A 210 -23.50 2.45 5.47
C ASN A 210 -23.31 1.57 4.25
N SER A 211 -22.43 1.98 3.33
CA SER A 211 -22.14 1.13 2.18
C SER A 211 -21.08 0.18 2.74
N SER A 212 -21.02 -1.03 2.24
CA SER A 212 -20.03 -1.97 2.75
C SER A 212 -19.33 -2.64 1.59
N VAL A 213 -18.50 -3.62 1.92
CA VAL A 213 -17.76 -4.36 0.92
C VAL A 213 -18.75 -5.02 -0.04
N LYS A 214 -20.00 -5.17 0.37
CA LYS A 214 -21.01 -5.79 -0.49
C LYS A 214 -21.25 -5.06 -1.82
N ILE A 215 -20.99 -3.75 -1.88
CA ILE A 215 -21.20 -3.06 -3.15
C ILE A 215 -19.98 -3.16 -4.05
N VAL A 216 -18.93 -3.79 -3.55
CA VAL A 216 -17.69 -3.92 -4.32
C VAL A 216 -17.57 -5.23 -5.09
N ASN A 217 -17.10 -5.14 -6.33
CA ASN A 217 -16.86 -6.32 -7.15
C ASN A 217 -15.34 -6.39 -7.14
N PRO A 218 -14.77 -7.22 -6.26
CA PRO A 218 -13.32 -7.38 -6.13
C PRO A 218 -12.65 -7.75 -7.43
N ILE A 219 -11.49 -7.14 -7.70
CA ILE A 219 -10.79 -7.44 -8.94
C ILE A 219 -9.55 -8.30 -8.76
N MET A 220 -9.23 -8.63 -7.49
CA MET A 220 -8.06 -9.46 -7.21
C MET A 220 -8.46 -10.72 -6.46
N GLY A 221 -9.75 -10.84 -6.16
CA GLY A 221 -10.21 -12.01 -5.43
C GLY A 221 -11.71 -12.23 -5.59
N VAL A 222 -12.22 -13.21 -4.87
CA VAL A 222 -13.63 -13.58 -4.94
C VAL A 222 -14.52 -12.92 -3.89
N LYS A 223 -15.82 -13.03 -4.09
CA LYS A 223 -16.79 -12.46 -3.16
C LYS A 223 -17.01 -13.46 -2.04
N PHE A 224 -16.06 -13.52 -1.11
CA PHE A 224 -16.15 -14.45 0.01
C PHE A 224 -17.32 -14.18 0.95
N TRP A 225 -17.85 -12.95 0.93
CA TRP A 225 -18.98 -12.61 1.80
C TRP A 225 -20.31 -13.13 1.24
N ASP A 226 -20.30 -13.53 -0.02
CA ASP A 226 -21.50 -14.07 -0.67
C ASP A 226 -21.52 -15.58 -0.40
N GLU A 227 -22.41 -16.00 0.49
CA GLU A 227 -22.50 -17.40 0.86
C GLU A 227 -22.70 -18.38 -0.30
N SER A 228 -23.10 -17.88 -1.46
CA SER A 228 -23.31 -18.75 -2.61
C SER A 228 -22.06 -19.07 -3.43
N VAL A 229 -20.97 -18.32 -3.25
CA VAL A 229 -19.74 -18.63 -3.99
C VAL A 229 -19.02 -19.72 -3.22
N LYS A 230 -18.69 -20.80 -3.89
CA LYS A 230 -18.01 -21.91 -3.24
C LYS A 230 -16.51 -21.65 -3.16
N ILE A 231 -15.96 -21.83 -1.96
CA ILE A 231 -14.53 -21.63 -1.75
C ILE A 231 -14.00 -22.81 -0.93
N PRO A 232 -13.40 -23.79 -1.62
CA PRO A 232 -12.83 -24.98 -0.98
C PRO A 232 -11.63 -24.60 -0.13
N ALA A 233 -11.52 -25.17 1.08
CA ALA A 233 -10.38 -24.90 1.94
C ALA A 233 -9.14 -25.28 1.13
N GLU A 234 -8.05 -24.56 1.34
CA GLU A 234 -6.84 -24.83 0.59
C GLU A 234 -5.59 -24.69 1.42
N GLU A 235 -4.68 -25.66 1.28
CA GLU A 235 -3.43 -25.64 2.00
C GLU A 235 -2.38 -24.93 1.15
N VAL A 236 -1.56 -24.10 1.78
CA VAL A 236 -0.51 -23.40 1.07
C VAL A 236 0.73 -23.29 1.92
N THR A 237 1.90 -23.37 1.28
CA THR A 237 3.14 -23.23 2.00
C THR A 237 3.87 -22.03 1.43
N VAL A 238 4.46 -21.24 2.30
CA VAL A 238 5.21 -20.06 1.91
C VAL A 238 6.57 -20.20 2.54
N ARG A 239 7.64 -20.13 1.74
CA ARG A 239 8.99 -20.31 2.27
C ARG A 239 9.87 -19.11 1.94
N PHE A 240 10.62 -18.66 2.94
CA PHE A 240 11.53 -17.53 2.79
C PHE A 240 12.97 -17.98 2.98
N GLU A 241 13.89 -17.22 2.38
CA GLU A 241 15.33 -17.43 2.53
C GLU A 241 15.87 -16.05 2.83
N GLN A 242 16.48 -15.92 4.02
CA GLN A 242 17.02 -14.66 4.47
C GLN A 242 16.01 -13.52 4.23
N GLY A 243 14.74 -13.78 4.53
CA GLY A 243 13.70 -12.77 4.39
C GLY A 243 13.08 -12.58 3.02
N HIS A 244 13.59 -13.28 2.02
CA HIS A 244 13.07 -13.13 0.67
C HIS A 244 12.09 -14.25 0.34
N PRO A 245 10.89 -13.90 -0.14
CA PRO A 245 9.90 -14.94 -0.49
C PRO A 245 10.38 -15.67 -1.74
N VAL A 246 10.77 -16.93 -1.59
CA VAL A 246 11.30 -17.71 -2.71
C VAL A 246 10.44 -18.86 -3.19
N ALA A 247 9.55 -19.39 -2.35
CA ALA A 247 8.74 -20.49 -2.81
C ALA A 247 7.33 -20.53 -2.28
N LEU A 248 6.41 -20.91 -3.16
CA LEU A 248 5.01 -21.04 -2.81
C LEU A 248 4.63 -22.47 -3.18
N ASN A 249 4.12 -23.20 -2.20
CA ASN A 249 3.76 -24.60 -2.39
C ASN A 249 4.93 -25.41 -2.95
N GLY A 250 6.13 -25.13 -2.46
CA GLY A 250 7.30 -25.86 -2.89
C GLY A 250 7.88 -25.50 -4.24
N LYS A 251 7.29 -24.54 -4.94
CA LYS A 251 7.81 -24.15 -6.23
C LYS A 251 8.52 -22.80 -6.19
N THR A 252 9.67 -22.70 -6.87
CA THR A 252 10.44 -21.46 -6.94
C THR A 252 10.05 -20.75 -8.23
N PHE A 253 10.50 -19.50 -8.41
CA PHE A 253 10.15 -18.73 -9.60
C PHE A 253 11.34 -18.11 -10.31
N SER A 254 11.22 -17.85 -11.60
CA SER A 254 12.34 -17.25 -12.34
C SER A 254 12.59 -15.81 -11.91
N ASP A 255 11.57 -15.15 -11.35
CA ASP A 255 11.71 -13.79 -10.86
C ASP A 255 10.62 -13.48 -9.84
N ASP A 256 10.82 -12.41 -9.08
CA ASP A 256 9.88 -12.04 -8.04
C ASP A 256 8.53 -11.59 -8.54
N VAL A 257 8.45 -11.10 -9.78
CA VAL A 257 7.17 -10.70 -10.32
C VAL A 257 6.27 -11.94 -10.47
N GLU A 258 6.84 -13.04 -10.96
CA GLU A 258 6.06 -14.27 -11.11
C GLU A 258 5.63 -14.81 -9.75
N MET A 259 6.50 -14.65 -8.76
CA MET A 259 6.20 -15.09 -7.40
C MET A 259 4.99 -14.31 -6.89
N MET A 260 5.05 -12.98 -6.98
CA MET A 260 3.94 -12.14 -6.49
C MET A 260 2.65 -12.48 -7.26
N LEU A 261 2.78 -12.68 -8.56
CA LEU A 261 1.64 -13.03 -9.39
C LEU A 261 0.98 -14.30 -8.85
N GLU A 262 1.78 -15.29 -8.47
CA GLU A 262 1.23 -16.54 -7.95
C GLU A 262 0.67 -16.32 -6.52
N ALA A 263 1.35 -15.53 -5.71
CA ALA A 263 0.86 -15.25 -4.36
C ALA A 263 -0.52 -14.63 -4.51
N ASN A 264 -0.68 -13.77 -5.50
CA ASN A 264 -1.97 -13.12 -5.74
C ASN A 264 -3.07 -14.15 -6.09
N ARG A 265 -2.72 -15.14 -6.91
CA ARG A 265 -3.70 -16.16 -7.30
C ARG A 265 -4.14 -17.00 -6.10
N ILE A 266 -3.17 -17.41 -5.29
CA ILE A 266 -3.49 -18.22 -4.12
C ILE A 266 -4.39 -17.43 -3.18
N GLY A 267 -3.96 -16.23 -2.82
CA GLY A 267 -4.75 -15.41 -1.92
C GLY A 267 -6.10 -15.06 -2.52
N GLY A 268 -6.12 -14.73 -3.81
CA GLY A 268 -7.35 -14.35 -4.47
C GLY A 268 -8.48 -15.36 -4.47
N ARG A 269 -8.13 -16.64 -4.58
CA ARG A 269 -9.13 -17.69 -4.57
C ARG A 269 -9.94 -17.65 -3.28
N HIS A 270 -9.39 -17.00 -2.26
CA HIS A 270 -10.06 -16.94 -0.96
C HIS A 270 -10.49 -15.56 -0.54
N GLY A 271 -9.98 -14.54 -1.21
CA GLY A 271 -10.33 -13.19 -0.83
C GLY A 271 -9.50 -12.76 0.38
N LEU A 272 -8.39 -13.45 0.61
CA LEU A 272 -7.51 -13.12 1.72
C LEU A 272 -7.03 -11.67 1.68
N GLY A 273 -6.93 -11.06 2.85
CA GLY A 273 -6.42 -9.70 2.93
C GLY A 273 -7.33 -8.50 2.79
N MET A 274 -8.57 -8.70 2.37
CA MET A 274 -9.48 -7.55 2.19
C MET A 274 -9.84 -6.89 3.51
N SER A 275 -9.86 -5.56 3.51
CA SER A 275 -10.21 -4.80 4.70
C SER A 275 -10.97 -3.52 4.34
N ASP A 276 -11.55 -2.90 5.36
CA ASP A 276 -12.35 -1.68 5.23
C ASP A 276 -11.73 -0.73 6.24
N GLN A 277 -11.14 0.36 5.76
CA GLN A 277 -10.49 1.30 6.67
C GLN A 277 -10.98 2.73 6.58
N ILE A 278 -11.06 3.39 7.72
CA ILE A 278 -11.34 4.82 7.72
C ILE A 278 -9.94 5.29 8.14
N GLU A 279 -9.34 6.18 7.37
CA GLU A 279 -7.99 6.65 7.66
C GLU A 279 -7.84 8.16 7.62
N ASN A 280 -6.66 8.62 8.05
CA ASN A 280 -6.35 10.05 8.05
C ASN A 280 -5.47 10.40 6.85
N ARG A 281 -5.97 11.25 5.95
CA ARG A 281 -5.18 11.67 4.79
C ARG A 281 -4.07 12.62 5.24
N ILE A 282 -3.10 12.86 4.37
CA ILE A 282 -1.99 13.77 4.72
C ILE A 282 -2.49 15.14 5.16
N ILE A 283 -3.55 15.64 4.53
CA ILE A 283 -4.11 16.95 4.86
C ILE A 283 -4.96 16.98 6.12
N GLU A 284 -4.90 15.89 6.90
CA GLU A 284 -5.63 15.80 8.16
C GLU A 284 -7.16 15.88 8.05
N ALA A 285 -7.73 15.05 7.19
CA ALA A 285 -9.18 14.92 7.02
C ALA A 285 -9.30 13.42 6.70
N LYS A 286 -10.37 12.78 7.15
CA LYS A 286 -10.53 11.35 6.95
C LYS A 286 -11.11 10.91 5.61
N SER A 287 -10.78 9.69 5.22
CA SER A 287 -11.23 9.10 3.98
C SER A 287 -11.51 7.62 4.26
N ARG A 288 -12.46 7.04 3.53
CA ARG A 288 -12.84 5.63 3.75
C ARG A 288 -12.53 4.80 2.52
N GLY A 289 -11.89 3.65 2.72
CA GLY A 289 -11.56 2.82 1.57
C GLY A 289 -11.71 1.32 1.83
N ILE A 290 -11.89 0.55 0.76
CA ILE A 290 -12.01 -0.90 0.82
C ILE A 290 -10.88 -1.38 -0.07
N TYR A 291 -10.04 -2.22 0.53
CA TYR A 291 -8.80 -2.64 -0.08
C TYR A 291 -8.59 -4.12 -0.31
N GLU A 292 -7.89 -4.43 -1.40
CA GLU A 292 -7.54 -5.81 -1.77
C GLU A 292 -6.03 -5.91 -1.88
N ALA A 293 -5.47 -7.02 -1.42
CA ALA A 293 -4.02 -7.26 -1.50
C ALA A 293 -3.81 -8.71 -1.08
N PRO A 294 -4.32 -9.66 -1.87
CA PRO A 294 -4.19 -11.09 -1.56
C PRO A 294 -2.77 -11.65 -1.40
N GLY A 295 -1.88 -11.30 -2.32
CA GLY A 295 -0.51 -11.79 -2.26
C GLY A 295 0.27 -11.18 -1.11
N MET A 296 0.10 -9.87 -0.92
CA MET A 296 0.78 -9.18 0.17
C MET A 296 0.35 -9.77 1.51
N ALA A 297 -0.96 -10.00 1.67
CA ALA A 297 -1.49 -10.57 2.90
C ALA A 297 -0.89 -11.95 3.18
N LEU A 298 -0.84 -12.78 2.15
CA LEU A 298 -0.28 -14.13 2.27
C LEU A 298 1.16 -14.10 2.77
N LEU A 299 1.99 -13.27 2.13
CA LEU A 299 3.39 -13.17 2.53
C LEU A 299 3.52 -12.55 3.93
N HIS A 300 2.68 -11.56 4.23
CA HIS A 300 2.70 -10.90 5.53
C HIS A 300 2.47 -11.88 6.67
N ILE A 301 1.44 -12.71 6.55
CA ILE A 301 1.14 -13.71 7.57
C ILE A 301 2.29 -14.69 7.79
N ALA A 302 2.84 -15.25 6.70
CA ALA A 302 3.93 -16.21 6.81
C ALA A 302 5.18 -15.55 7.39
N TYR A 303 5.49 -14.35 6.89
CA TYR A 303 6.66 -13.61 7.38
C TYR A 303 6.58 -13.35 8.87
N GLU A 304 5.44 -12.82 9.35
CA GLU A 304 5.33 -12.55 10.79
C GLU A 304 5.31 -13.82 11.64
N ARG A 305 4.71 -14.89 11.16
CA ARG A 305 4.70 -16.10 11.94
C ARG A 305 6.16 -16.53 12.17
N LEU A 306 6.98 -16.46 11.13
CA LEU A 306 8.40 -16.85 11.27
C LEU A 306 9.13 -15.90 12.23
N LEU A 307 8.85 -14.61 12.08
CA LEU A 307 9.44 -13.58 12.92
C LEU A 307 9.21 -13.91 14.41
N THR A 308 7.99 -14.35 14.75
CA THR A 308 7.66 -14.67 16.13
C THR A 308 8.38 -15.90 16.66
N GLY A 309 8.88 -16.75 15.77
CA GLY A 309 9.59 -17.93 16.25
C GLY A 309 11.10 -17.76 16.20
N ILE A 310 11.53 -16.59 15.72
CA ILE A 310 12.95 -16.30 15.53
C ILE A 310 13.57 -15.13 16.32
N HIS A 311 12.84 -14.02 16.47
CA HIS A 311 13.42 -12.86 17.15
C HIS A 311 13.02 -12.61 18.60
N ASN A 312 13.88 -11.95 19.36
CA ASN A 312 13.56 -11.69 20.77
C ASN A 312 12.56 -10.53 20.90
N GLU A 313 12.01 -10.37 22.10
CA GLU A 313 10.98 -9.36 22.35
C GLU A 313 11.38 -7.93 22.02
N ASP A 314 12.56 -7.47 22.43
CA ASP A 314 12.96 -6.09 22.14
C ASP A 314 13.01 -5.87 20.61
N THR A 315 13.50 -6.89 19.91
CA THR A 315 13.64 -6.80 18.46
C THR A 315 12.25 -6.80 17.80
N ILE A 316 11.33 -7.60 18.32
CA ILE A 316 9.98 -7.63 17.75
C ILE A 316 9.27 -6.30 18.03
N GLU A 317 9.44 -5.75 19.23
CA GLU A 317 8.82 -4.47 19.57
C GLU A 317 9.38 -3.39 18.64
N GLN A 318 10.68 -3.44 18.35
CA GLN A 318 11.24 -2.41 17.46
C GLN A 318 10.71 -2.60 16.02
N TYR A 319 10.50 -3.85 15.61
CA TYR A 319 9.93 -4.15 14.27
C TYR A 319 8.53 -3.54 14.14
N HIS A 320 7.70 -3.71 15.16
CA HIS A 320 6.35 -3.16 15.14
C HIS A 320 6.35 -1.63 15.16
N ALA A 321 7.17 -1.04 16.04
CA ALA A 321 7.25 0.42 16.16
C ALA A 321 7.81 1.07 14.91
N HIS A 322 8.95 0.57 14.45
CA HIS A 322 9.56 1.14 13.25
C HIS A 322 8.69 0.90 12.02
N GLY A 323 8.06 -0.26 11.95
CA GLY A 323 7.21 -0.57 10.81
C GLY A 323 6.00 0.36 10.72
N ARG A 324 5.37 0.63 11.86
CA ARG A 324 4.21 1.52 11.88
C ARG A 324 4.65 2.94 11.46
N GLN A 325 5.77 3.41 12.00
CA GLN A 325 6.30 4.74 11.63
C GLN A 325 6.65 4.79 10.15
N LEU A 326 7.29 3.76 9.65
CA LEU A 326 7.67 3.70 8.24
C LEU A 326 6.41 3.64 7.37
N GLY A 327 5.40 2.92 7.84
CA GLY A 327 4.15 2.82 7.09
C GLY A 327 3.55 4.20 6.89
N ARG A 328 3.58 5.00 7.94
CA ARG A 328 3.04 6.34 7.85
C ARG A 328 3.86 7.20 6.87
N LEU A 329 5.19 7.09 6.95
CA LEU A 329 6.05 7.85 6.03
C LEU A 329 5.76 7.40 4.59
N LEU A 330 5.61 6.10 4.38
CA LEU A 330 5.29 5.56 3.05
C LEU A 330 3.98 6.21 2.55
N TYR A 331 2.97 6.22 3.41
CA TYR A 331 1.68 6.81 3.08
C TYR A 331 1.77 8.31 2.78
N GLN A 332 2.71 9.01 3.43
CA GLN A 332 2.88 10.44 3.24
C GLN A 332 3.70 10.79 2.00
N GLY A 333 4.23 9.78 1.32
CA GLY A 333 5.04 10.02 0.14
C GLY A 333 6.51 10.23 0.50
N ARG A 334 6.90 9.81 1.70
CA ARG A 334 8.28 9.98 2.14
C ARG A 334 9.08 8.69 2.22
N TRP A 335 8.67 7.72 1.42
CA TRP A 335 9.32 6.40 1.40
C TRP A 335 10.84 6.47 1.11
N PHE A 336 11.30 7.50 0.41
CA PHE A 336 12.73 7.63 0.11
C PHE A 336 13.46 8.72 0.91
N ASP A 337 12.78 9.28 1.90
CA ASP A 337 13.37 10.29 2.75
C ASP A 337 14.27 9.61 3.78
N SER A 338 15.26 10.34 4.31
CA SER A 338 16.18 9.75 5.28
C SER A 338 15.51 9.07 6.48
N GLN A 339 14.47 9.70 7.03
CA GLN A 339 13.83 9.12 8.20
C GLN A 339 13.16 7.77 7.88
N ALA A 340 12.85 7.54 6.60
CA ALA A 340 12.22 6.27 6.19
C ALA A 340 13.29 5.24 5.86
N LEU A 341 14.24 5.64 5.05
CA LEU A 341 15.34 4.76 4.66
C LEU A 341 16.07 4.19 5.87
N MET A 342 16.29 4.99 6.90
CA MET A 342 17.01 4.51 8.08
C MET A 342 16.27 3.37 8.80
N LEU A 343 14.94 3.42 8.82
CA LEU A 343 14.12 2.38 9.44
C LEU A 343 14.01 1.16 8.52
N ARG A 344 13.82 1.43 7.24
CA ARG A 344 13.68 0.36 6.26
C ARG A 344 14.97 -0.46 6.18
N ASP A 345 16.09 0.24 5.99
CA ASP A 345 17.40 -0.42 5.90
C ASP A 345 17.69 -1.25 7.15
N SER A 346 17.38 -0.69 8.30
CA SER A 346 17.61 -1.35 9.57
C SER A 346 16.82 -2.63 9.72
N LEU A 347 15.55 -2.59 9.38
CA LEU A 347 14.72 -3.77 9.49
C LEU A 347 15.16 -4.83 8.47
N GLN A 348 15.47 -4.41 7.24
CA GLN A 348 15.91 -5.37 6.23
C GLN A 348 17.21 -6.08 6.66
N ARG A 349 18.17 -5.32 7.14
CA ARG A 349 19.45 -5.89 7.53
C ARG A 349 19.44 -6.78 8.77
N TRP A 350 18.82 -6.31 9.86
CA TRP A 350 18.85 -7.05 11.13
C TRP A 350 17.67 -7.93 11.48
N VAL A 351 16.52 -7.65 10.88
CA VAL A 351 15.35 -8.47 11.18
C VAL A 351 15.08 -9.47 10.06
N ALA A 352 14.85 -8.96 8.85
CA ALA A 352 14.54 -9.81 7.71
C ALA A 352 15.65 -10.80 7.32
N SER A 353 16.91 -10.41 7.49
CA SER A 353 18.02 -11.30 7.11
C SER A 353 17.96 -12.68 7.76
N GLN A 354 17.34 -12.78 8.92
CA GLN A 354 17.25 -14.03 9.67
C GLN A 354 15.96 -14.80 9.43
N ILE A 355 15.05 -14.22 8.67
CA ILE A 355 13.78 -14.87 8.41
C ILE A 355 13.91 -15.88 7.29
N THR A 356 14.31 -17.09 7.67
CA THR A 356 14.48 -18.21 6.76
C THR A 356 13.60 -19.31 7.32
N GLY A 357 12.61 -19.75 6.54
CA GLY A 357 11.72 -20.78 7.03
C GLY A 357 10.51 -20.96 6.15
N GLU A 358 9.57 -21.77 6.60
CA GLU A 358 8.39 -22.07 5.81
C GLU A 358 7.19 -22.16 6.70
N VAL A 359 6.09 -21.58 6.26
CA VAL A 359 4.86 -21.65 7.02
C VAL A 359 3.76 -22.30 6.19
N THR A 360 3.03 -23.21 6.82
CA THR A 360 1.93 -23.90 6.16
C THR A 360 0.60 -23.40 6.73
N LEU A 361 -0.27 -22.95 5.84
CA LEU A 361 -1.57 -22.45 6.25
C LEU A 361 -2.70 -23.14 5.51
N GLU A 362 -3.90 -23.07 6.09
CA GLU A 362 -5.09 -23.57 5.42
C GLU A 362 -5.95 -22.30 5.24
N LEU A 363 -6.20 -21.92 4.00
CA LEU A 363 -7.02 -20.74 3.73
C LEU A 363 -8.44 -21.17 3.46
N ARG A 364 -9.39 -20.43 4.02
CA ARG A 364 -10.80 -20.72 3.81
C ARG A 364 -11.44 -19.48 3.18
N ARG A 365 -12.29 -18.77 3.91
CA ARG A 365 -12.91 -17.58 3.34
C ARG A 365 -12.39 -16.27 3.94
N GLY A 366 -12.10 -15.28 3.09
CA GLY A 366 -11.61 -14.00 3.58
C GLY A 366 -10.40 -14.12 4.49
N ASN A 367 -10.48 -13.55 5.68
CA ASN A 367 -9.34 -13.63 6.59
C ASN A 367 -9.48 -14.78 7.58
N ASP A 368 -10.29 -15.77 7.24
CA ASP A 368 -10.43 -16.94 8.09
C ASP A 368 -9.45 -17.97 7.55
N TYR A 369 -8.44 -18.29 8.35
CA TYR A 369 -7.44 -19.26 7.95
C TYR A 369 -6.85 -19.84 9.24
N SER A 370 -6.07 -20.92 9.10
CA SER A 370 -5.41 -21.53 10.25
C SER A 370 -3.94 -21.77 9.91
N ILE A 371 -3.09 -21.72 10.93
CA ILE A 371 -1.67 -21.99 10.75
C ILE A 371 -1.54 -23.49 11.01
N LEU A 372 -0.95 -24.23 10.07
CA LEU A 372 -0.81 -25.68 10.23
C LEU A 372 0.58 -26.12 10.64
N ASN A 373 1.61 -25.43 10.18
CA ASN A 373 2.98 -25.81 10.53
C ASN A 373 3.88 -24.58 10.40
N THR A 374 4.97 -24.57 11.15
CA THR A 374 5.95 -23.49 11.13
C THR A 374 7.32 -24.14 11.30
N VAL A 375 8.23 -23.91 10.35
CA VAL A 375 9.57 -24.48 10.44
C VAL A 375 10.63 -23.45 10.06
N SER A 376 11.78 -23.54 10.70
CA SER A 376 12.89 -22.66 10.42
C SER A 376 14.18 -23.16 11.03
N GLU A 377 15.26 -23.10 10.27
CA GLU A 377 16.55 -23.53 10.77
C GLU A 377 17.04 -22.50 11.76
N ASN A 378 16.35 -21.35 11.81
CA ASN A 378 16.73 -20.25 12.71
C ASN A 378 15.81 -20.04 13.92
N LEU A 379 14.86 -20.95 14.15
CA LEU A 379 13.96 -20.79 15.29
C LEU A 379 14.69 -20.70 16.61
N THR A 380 14.25 -19.81 17.50
CA THR A 380 14.82 -19.77 18.85
C THR A 380 13.76 -20.44 19.72
N TYR A 381 12.63 -20.76 19.10
CA TYR A 381 11.57 -21.45 19.80
C TYR A 381 12.00 -22.92 19.75
N LYS A 382 12.00 -23.59 20.88
CA LYS A 382 12.37 -25.00 20.89
C LYS A 382 11.43 -25.75 21.81
N PRO A 383 10.65 -26.69 21.26
CA PRO A 383 9.74 -27.45 22.12
C PRO A 383 10.41 -28.00 23.38
N GLU A 384 11.69 -28.38 23.28
CA GLU A 384 12.40 -28.90 24.46
C GLU A 384 12.93 -27.77 25.34
N SER A 393 17.75 -28.68 30.55
CA SER A 393 18.12 -28.45 31.95
C SER A 393 19.09 -27.27 32.09
N VAL A 394 18.73 -26.13 31.51
CA VAL A 394 19.61 -24.95 31.59
C VAL A 394 19.45 -24.13 32.87
N PHE A 395 18.27 -24.19 33.47
CA PHE A 395 18.04 -23.46 34.73
C PHE A 395 17.17 -24.28 35.66
N SER A 396 17.40 -24.12 36.95
CA SER A 396 16.67 -24.87 37.97
C SER A 396 15.62 -24.04 38.69
N PRO A 397 14.74 -24.73 39.43
CA PRO A 397 13.68 -24.04 40.19
C PRO A 397 14.31 -23.03 41.13
N ASP A 398 15.46 -23.38 41.69
CA ASP A 398 16.15 -22.47 42.58
C ASP A 398 16.71 -21.26 41.86
N ASP A 399 17.08 -21.41 40.59
CA ASP A 399 17.58 -20.26 39.84
C ASP A 399 16.41 -19.26 39.72
N ARG A 400 15.21 -19.78 39.47
CA ARG A 400 14.03 -18.91 39.33
C ARG A 400 13.64 -18.24 40.64
N ILE A 401 13.86 -18.91 41.77
CA ILE A 401 13.54 -18.31 43.06
C ILE A 401 14.42 -17.08 43.27
N GLY A 402 15.66 -17.18 42.77
CA GLY A 402 16.59 -16.06 42.89
C GLY A 402 16.15 -14.91 42.00
N GLN A 403 15.79 -15.22 40.76
CA GLN A 403 15.34 -14.22 39.79
C GLN A 403 14.08 -13.53 40.32
N LEU A 404 13.18 -14.29 40.93
CA LEU A 404 11.97 -13.69 41.48
C LEU A 404 12.30 -12.79 42.67
N THR A 405 13.20 -13.25 43.52
CA THR A 405 13.57 -12.47 44.70
C THR A 405 14.22 -11.14 44.34
N MET A 406 14.94 -11.09 43.23
CA MET A 406 15.58 -9.85 42.80
C MET A 406 14.57 -8.74 42.50
N ARG A 407 13.31 -9.11 42.31
CA ARG A 407 12.25 -8.14 42.02
C ARG A 407 11.73 -7.40 43.27
N ASN A 408 12.02 -7.92 44.45
CA ASN A 408 11.51 -7.33 45.70
C ASN A 408 11.67 -5.84 45.94
N LEU A 409 12.85 -5.30 45.67
CA LEU A 409 13.07 -3.88 45.94
C LEU A 409 12.14 -3.01 45.12
N ASP A 410 12.04 -3.29 43.83
CA ASP A 410 11.18 -2.52 42.95
C ASP A 410 9.70 -2.73 43.24
N ILE A 411 9.31 -3.94 43.63
CA ILE A 411 7.91 -4.20 43.97
C ILE A 411 7.52 -3.29 45.15
N THR A 412 8.42 -3.20 46.14
CA THR A 412 8.17 -2.33 47.30
C THR A 412 8.03 -0.89 46.80
N ASP A 413 8.92 -0.48 45.90
CA ASP A 413 8.84 0.88 45.36
C ASP A 413 7.47 1.12 44.74
N THR A 414 6.96 0.14 44.00
CA THR A 414 5.65 0.30 43.38
C THR A 414 4.52 0.30 44.42
N ARG A 415 4.66 -0.54 45.44
CA ARG A 415 3.63 -0.57 46.47
C ARG A 415 3.53 0.84 47.09
N GLU A 416 4.69 1.44 47.38
CA GLU A 416 4.74 2.77 47.97
C GLU A 416 4.13 3.79 47.02
N LYS A 417 4.36 3.62 45.72
CA LYS A 417 3.76 4.53 44.75
C LYS A 417 2.24 4.43 44.80
N LEU A 418 1.73 3.20 44.86
CA LEU A 418 0.29 3.00 44.91
C LEU A 418 -0.29 3.70 46.14
N PHE A 419 0.43 3.63 47.27
CA PHE A 419 -0.01 4.31 48.49
C PHE A 419 0.02 5.81 48.22
N GLY A 420 1.11 6.28 47.63
CA GLY A 420 1.22 7.70 47.33
C GLY A 420 0.11 8.20 46.41
N TYR A 421 -0.18 7.44 45.34
CA TYR A 421 -1.22 7.83 44.40
C TYR A 421 -2.59 7.85 45.10
N ALA A 422 -2.81 6.92 46.02
CA ALA A 422 -4.08 6.89 46.73
C ALA A 422 -4.14 8.13 47.61
N LYS A 423 -3.03 8.46 48.25
CA LYS A 423 -2.95 9.64 49.11
C LYS A 423 -3.28 10.93 48.36
N THR A 424 -2.60 11.20 47.26
CA THR A 424 -2.87 12.42 46.52
C THR A 424 -4.21 12.41 45.78
N GLY A 425 -4.98 11.33 45.94
CA GLY A 425 -6.29 11.23 45.30
C GLY A 425 -6.40 10.56 43.94
N LEU A 426 -5.28 10.24 43.32
CA LEU A 426 -5.30 9.60 42.01
C LEU A 426 -6.03 8.27 41.99
N LEU A 427 -5.71 7.42 42.96
CA LEU A 427 -6.35 6.11 43.06
C LEU A 427 -7.42 6.12 44.15
N SER A 428 -8.53 5.41 43.92
CA SER A 428 -9.60 5.31 44.93
C SER A 428 -8.97 4.52 46.04
N SER A 429 -8.34 3.41 45.65
CA SER A 429 -7.67 2.52 46.58
C SER A 429 -6.44 1.89 45.95
N SER A 430 -5.46 1.58 46.79
CA SER A 430 -4.22 0.97 46.32
C SER A 430 -4.43 -0.54 46.20
N ALA A 431 -3.37 -1.32 46.34
CA ALA A 431 -3.47 -2.77 46.24
C ALA A 431 -3.72 -3.42 47.60
N ALA A 432 -3.69 -2.60 48.65
CA ALA A 432 -3.92 -3.05 50.02
C ALA A 432 -5.13 -3.97 50.23
N SER A 433 -6.27 -3.61 49.65
CA SER A 433 -7.48 -4.42 49.83
C SER A 433 -7.91 -5.15 48.56
N GLY A 434 -7.09 -5.09 47.52
CA GLY A 434 -7.46 -5.78 46.30
C GLY A 434 -6.93 -5.09 45.06
N VAL A 435 -7.81 -4.98 44.07
CA VAL A 435 -7.46 -4.35 42.80
C VAL A 435 -7.37 -2.84 42.91
N PRO A 436 -6.20 -2.26 42.60
CA PRO A 436 -6.10 -0.79 42.68
C PRO A 436 -7.16 -0.19 41.75
N GLN A 437 -7.73 0.94 42.14
CA GLN A 437 -8.76 1.60 41.35
C GLN A 437 -8.39 3.05 41.06
N VAL A 438 -8.36 3.42 39.79
CA VAL A 438 -8.05 4.80 39.42
C VAL A 438 -9.30 5.62 39.69
N GLU A 439 -9.16 6.69 40.47
CA GLU A 439 -10.31 7.53 40.82
C GLU A 439 -11.00 7.97 39.54
N ASN A 440 -12.33 7.85 39.53
CA ASN A 440 -13.10 8.21 38.34
C ASN A 440 -13.59 9.66 38.40
N ASP B . -6.72 9.10 -5.86
CA ASP B . -7.67 9.95 -5.10
C ASP B . -7.45 11.42 -5.43
O ASP B . -7.99 12.29 -4.69
CB ASP B . -7.48 9.72 -3.60
CG ASP B . -6.12 10.22 -3.08
OD1 ASP B . -5.86 10.08 -1.87
OD2 ASP B . -5.36 10.77 -3.90
OXT ASP B . -6.74 11.71 -6.42
C CIR C . -4.29 5.59 -0.07
O CIR C . -4.19 6.82 0.09
OXT CIR C . -3.32 4.82 -0.15
CA CIR C . -5.70 4.99 -0.20
N CIR C . -6.69 5.96 0.33
C3 CIR C . -5.99 4.67 -1.68
C4 CIR C . -5.96 5.90 -2.60
C5 CIR C . -6.17 5.55 -4.07
N6 CIR C . -7.48 4.95 -4.36
C7 CIR C . -8.43 5.55 -5.10
O7 CIR C . -8.36 6.76 -5.31
N8 CIR C . -9.42 4.80 -5.57
#